data_7L9D
# 
_entry.id   7L9D 
# 
_audit_conform.dict_name       mmcif_pdbx.dic 
_audit_conform.dict_version    5.398 
_audit_conform.dict_location   http://mmcif.pdb.org/dictionaries/ascii/mmcif_pdbx.dic 
# 
loop_
_database_2.database_id 
_database_2.database_code 
_database_2.pdbx_database_accession 
_database_2.pdbx_DOI 
PDB   7L9D         pdb_00007l9d 10.2210/pdb7l9d/pdb 
WWPDB D_1000253917 ?            ?                   
BMRB  30840        ?            10.13018/BMR30840   
# 
loop_
_pdbx_audit_revision_history.ordinal 
_pdbx_audit_revision_history.data_content_type 
_pdbx_audit_revision_history.major_revision 
_pdbx_audit_revision_history.minor_revision 
_pdbx_audit_revision_history.revision_date 
1 'Structure model' 1 0 2021-09-08 
2 'Structure model' 1 1 2023-06-14 
3 'Structure model' 2 0 2023-11-15 
4 'Structure model' 2 1 2024-11-13 
# 
_pdbx_audit_revision_details.ordinal             1 
_pdbx_audit_revision_details.revision_ordinal    1 
_pdbx_audit_revision_details.data_content_type   'Structure model' 
_pdbx_audit_revision_details.provider            repository 
_pdbx_audit_revision_details.type                'Initial release' 
_pdbx_audit_revision_details.description         ? 
_pdbx_audit_revision_details.details             ? 
# 
loop_
_pdbx_audit_revision_group.ordinal 
_pdbx_audit_revision_group.revision_ordinal 
_pdbx_audit_revision_group.data_content_type 
_pdbx_audit_revision_group.group 
1 2 'Structure model' Other                  
2 3 'Structure model' 'Atomic model'         
3 3 'Structure model' 'Data collection'      
4 3 'Structure model' 'Derived calculations' 
5 4 'Structure model' 'Database references'  
6 4 'Structure model' 'Structure summary'    
# 
loop_
_pdbx_audit_revision_category.ordinal 
_pdbx_audit_revision_category.revision_ordinal 
_pdbx_audit_revision_category.data_content_type 
_pdbx_audit_revision_category.category 
1 2 'Structure model' pdbx_database_status      
2 3 'Structure model' atom_site                 
3 3 'Structure model' chem_comp_atom            
4 3 'Structure model' chem_comp_bond            
5 3 'Structure model' struct_conn               
6 4 'Structure model' database_2                
7 4 'Structure model' pdbx_entry_details        
8 4 'Structure model' pdbx_modification_feature 
# 
loop_
_pdbx_audit_revision_item.ordinal 
_pdbx_audit_revision_item.revision_ordinal 
_pdbx_audit_revision_item.data_content_type 
_pdbx_audit_revision_item.item 
1 2 'Structure model' '_pdbx_database_status.status_code_nmr_data'   
2 3 'Structure model' '_atom_site.auth_atom_id'                      
3 3 'Structure model' '_atom_site.label_atom_id'                     
4 3 'Structure model' '_struct_conn.ptnr2_label_atom_id'             
5 4 'Structure model' '_database_2.pdbx_DOI'                         
6 4 'Structure model' '_pdbx_entry_details.has_protein_modification' 
# 
_pdbx_database_status.status_code                     REL 
_pdbx_database_status.status_code_sf                  ? 
_pdbx_database_status.status_code_mr                  REL 
_pdbx_database_status.entry_id                        7L9D 
_pdbx_database_status.recvd_initial_deposition_date   2021-01-03 
_pdbx_database_status.SG_entry                        N 
_pdbx_database_status.deposit_site                    RCSB 
_pdbx_database_status.process_site                    RCSB 
_pdbx_database_status.status_code_cs                  REL 
_pdbx_database_status.status_code_nmr_data            REL 
_pdbx_database_status.methods_development_category    ? 
_pdbx_database_status.pdb_format_compatible           Y 
# 
_pdbx_database_related.db_name        BMRB 
_pdbx_database_related.details        'Connecting hydrophobic surfaces in cyclic peptides increases membrane permeability' 
_pdbx_database_related.db_id          30840 
_pdbx_database_related.content_type   unspecified 
# 
_audit_author.name               'Hoang, H.N.' 
_audit_author.pdbx_ordinal       1 
_audit_author.identifier_ORCID   0000-0002-7124-6097 
# 
_citation.abstract                  ? 
_citation.abstract_id_CAS           ? 
_citation.book_id_ISBN              ? 
_citation.book_publisher            ? 
_citation.book_publisher_city       ? 
_citation.book_title                ? 
_citation.coordinate_linkage        ? 
_citation.country                   GE 
_citation.database_id_Medline       ? 
_citation.details                   ? 
_citation.id                        primary 
_citation.journal_abbrev            Angew.Chem.Int.Ed.Engl. 
_citation.journal_id_ASTM           ACIEAY 
_citation.journal_id_CSD            0179 
_citation.journal_id_ISSN           1521-3773 
_citation.journal_full              ? 
_citation.journal_issue             ? 
_citation.journal_volume            60 
_citation.language                  ? 
_citation.page_first                8385 
_citation.page_last                 8390 
_citation.title                     'Connecting Hydrophobic Surfaces in Cyclic Peptides Increases Membrane Permeability.' 
_citation.year                      2021 
_citation.database_id_CSD           ? 
_citation.pdbx_database_id_DOI      10.1002/anie.202012643 
_citation.pdbx_database_id_PubMed   33185961 
_citation.unpublished_flag          ? 
# 
loop_
_citation_author.citation_id 
_citation_author.name 
_citation_author.ordinal 
_citation_author.identifier_ORCID 
primary 'Hoang, H.N.'   1 0000-0002-7124-6097 
primary 'Hill, T.A.'    2 0000-0001-9727-9930 
primary 'Fairlie, D.P.' 3 0000-0002-7856-8566 
# 
_entity.id                         1 
_entity.type                       polymer 
_entity.src_method                 syn 
_entity.pdbx_description           'Cyclic peptide  ALA-PHE-PRO-ILE-PRO-ITZ' 
_entity.formula_weight             739.924 
_entity.pdbx_number_of_molecules   1 
_entity.pdbx_ec                    ? 
_entity.pdbx_mutation              ? 
_entity.pdbx_fragment              ? 
_entity.details                    ? 
# 
_entity_poly.entity_id                      1 
_entity_poly.type                           'polypeptide(L)' 
_entity_poly.nstd_linkage                   no 
_entity_poly.nstd_monomer                   yes 
_entity_poly.pdbx_seq_one_letter_code       'AFPIP(ITZ)' 
_entity_poly.pdbx_seq_one_letter_code_can   AFPIPX 
_entity_poly.pdbx_strand_id                 A 
_entity_poly.pdbx_target_identifier         ? 
# 
loop_
_entity_poly_seq.entity_id 
_entity_poly_seq.num 
_entity_poly_seq.mon_id 
_entity_poly_seq.hetero 
1 1 ALA n 
1 2 PHE n 
1 3 PRO n 
1 4 ILE n 
1 5 PRO n 
1 6 ITZ n 
# 
_pdbx_entity_src_syn.entity_id              1 
_pdbx_entity_src_syn.pdbx_src_id            1 
_pdbx_entity_src_syn.pdbx_alt_source_flag   sample 
_pdbx_entity_src_syn.pdbx_beg_seq_num       1 
_pdbx_entity_src_syn.pdbx_end_seq_num       6 
_pdbx_entity_src_syn.organism_scientific    'Homo sapiens' 
_pdbx_entity_src_syn.organism_common_name   ? 
_pdbx_entity_src_syn.ncbi_taxonomy_id       9606 
_pdbx_entity_src_syn.details                ? 
# 
loop_
_chem_comp.id 
_chem_comp.type 
_chem_comp.mon_nstd_flag 
_chem_comp.name 
_chem_comp.pdbx_synonyms 
_chem_comp.formula 
_chem_comp.formula_weight 
ALA 'L-peptide linking' y ALANINE                                                            ? 'C3 H7 N O2'     89.093  
ILE 'L-peptide linking' y ISOLEUCINE                                                         ? 'C6 H13 N O2'    131.173 
ITZ peptide-like        . '2-[(1S,2S)-1-amino-2-methylbutyl]-1,3-thiazole-4-carboxylic acid' ? 'C9 H14 N2 O2 S' 214.285 
PHE 'L-peptide linking' y PHENYLALANINE                                                      ? 'C9 H11 N O2'    165.189 
PRO 'L-peptide linking' y PROLINE                                                            ? 'C5 H9 N O2'     115.130 
# 
loop_
_pdbx_poly_seq_scheme.asym_id 
_pdbx_poly_seq_scheme.entity_id 
_pdbx_poly_seq_scheme.seq_id 
_pdbx_poly_seq_scheme.mon_id 
_pdbx_poly_seq_scheme.ndb_seq_num 
_pdbx_poly_seq_scheme.pdb_seq_num 
_pdbx_poly_seq_scheme.auth_seq_num 
_pdbx_poly_seq_scheme.pdb_mon_id 
_pdbx_poly_seq_scheme.auth_mon_id 
_pdbx_poly_seq_scheme.pdb_strand_id 
_pdbx_poly_seq_scheme.pdb_ins_code 
_pdbx_poly_seq_scheme.hetero 
A 1 1 ALA 1 1 1 ALA ALA A . n 
A 1 2 PHE 2 2 2 PHE PHE A . n 
A 1 3 PRO 3 3 3 PRO PRO A . n 
A 1 4 ILE 4 4 4 ILE ILE A . n 
A 1 5 PRO 5 5 5 PRO PRO A . n 
A 1 6 ITZ 6 6 6 ITZ ITZ A . n 
# 
_pdbx_entity_instance_feature.ordinal        1 
_pdbx_entity_instance_feature.comp_id        ITZ 
_pdbx_entity_instance_feature.asym_id        ? 
_pdbx_entity_instance_feature.seq_num        ? 
_pdbx_entity_instance_feature.auth_comp_id   ITZ 
_pdbx_entity_instance_feature.auth_asym_id   ? 
_pdbx_entity_instance_feature.auth_seq_num   ? 
_pdbx_entity_instance_feature.feature_type   'SUBJECT OF INVESTIGATION' 
_pdbx_entity_instance_feature.details        ? 
# 
_exptl.absorpt_coefficient_mu     ? 
_exptl.absorpt_correction_T_max   ? 
_exptl.absorpt_correction_T_min   ? 
_exptl.absorpt_correction_type    ? 
_exptl.absorpt_process_details    ? 
_exptl.entry_id                   7L9D 
_exptl.crystals_number            ? 
_exptl.details                    ? 
_exptl.method                     'SOLUTION NMR' 
_exptl.method_details             ? 
# 
_struct.entry_id                     7L9D 
_struct.title                        'Connecting hydrophobic surfaces in cyclic peptides increases membrane permeability' 
_struct.pdbx_model_details           ? 
_struct.pdbx_formula_weight          ? 
_struct.pdbx_formula_weight_method   ? 
_struct.pdbx_model_type_details      ? 
_struct.pdbx_CASP_flag               N 
# 
_struct_keywords.entry_id        7L9D 
_struct_keywords.text            'cyclic peptides, PEPTIDE BINDING PROTEIN' 
_struct_keywords.pdbx_keywords   'PEPTIDE BINDING PROTEIN' 
# 
_struct_asym.id                            A 
_struct_asym.pdbx_blank_PDB_chainid_flag   N 
_struct_asym.pdbx_modified                 N 
_struct_asym.entity_id                     1 
_struct_asym.details                       ? 
# 
_struct_ref.id                         1 
_struct_ref.db_name                    PDB 
_struct_ref.db_code                    7L9D 
_struct_ref.pdbx_db_accession          7L9D 
_struct_ref.pdbx_db_isoform            ? 
_struct_ref.entity_id                  1 
_struct_ref.pdbx_seq_one_letter_code   ? 
_struct_ref.pdbx_align_begin           1 
# 
_struct_ref_seq.align_id                      1 
_struct_ref_seq.ref_id                        1 
_struct_ref_seq.pdbx_PDB_id_code              7L9D 
_struct_ref_seq.pdbx_strand_id                A 
_struct_ref_seq.seq_align_beg                 1 
_struct_ref_seq.pdbx_seq_align_beg_ins_code   ? 
_struct_ref_seq.seq_align_end                 6 
_struct_ref_seq.pdbx_seq_align_end_ins_code   ? 
_struct_ref_seq.pdbx_db_accession             7L9D 
_struct_ref_seq.db_align_beg                  1 
_struct_ref_seq.pdbx_db_align_beg_ins_code    ? 
_struct_ref_seq.db_align_end                  6 
_struct_ref_seq.pdbx_db_align_end_ins_code    ? 
_struct_ref_seq.pdbx_auth_seq_align_beg       1 
_struct_ref_seq.pdbx_auth_seq_align_end       6 
# 
_pdbx_struct_assembly.id                   1 
_pdbx_struct_assembly.details              author_defined_assembly 
_pdbx_struct_assembly.method_details       ? 
_pdbx_struct_assembly.oligomeric_details   monomeric 
_pdbx_struct_assembly.oligomeric_count     1 
# 
_pdbx_struct_assembly_gen.assembly_id       1 
_pdbx_struct_assembly_gen.oper_expression   1 
_pdbx_struct_assembly_gen.asym_id_list      A 
# 
_pdbx_struct_assembly_auth_evidence.id                     1 
_pdbx_struct_assembly_auth_evidence.assembly_id            1 
_pdbx_struct_assembly_auth_evidence.experimental_support   none 
_pdbx_struct_assembly_auth_evidence.details                ? 
# 
_pdbx_struct_oper_list.id                   1 
_pdbx_struct_oper_list.type                 'identity operation' 
_pdbx_struct_oper_list.name                 1_555 
_pdbx_struct_oper_list.symmetry_operation   ? 
_pdbx_struct_oper_list.matrix[1][1]         1.0000000000 
_pdbx_struct_oper_list.matrix[1][2]         0.0000000000 
_pdbx_struct_oper_list.matrix[1][3]         0.0000000000 
_pdbx_struct_oper_list.vector[1]            0.0000000000 
_pdbx_struct_oper_list.matrix[2][1]         0.0000000000 
_pdbx_struct_oper_list.matrix[2][2]         1.0000000000 
_pdbx_struct_oper_list.matrix[2][3]         0.0000000000 
_pdbx_struct_oper_list.vector[2]            0.0000000000 
_pdbx_struct_oper_list.matrix[3][1]         0.0000000000 
_pdbx_struct_oper_list.matrix[3][2]         0.0000000000 
_pdbx_struct_oper_list.matrix[3][3]         1.0000000000 
_pdbx_struct_oper_list.vector[3]            0.0000000000 
# 
loop_
_struct_conn.id 
_struct_conn.conn_type_id 
_struct_conn.pdbx_leaving_atom_flag 
_struct_conn.pdbx_PDB_id 
_struct_conn.ptnr1_label_asym_id 
_struct_conn.ptnr1_label_comp_id 
_struct_conn.ptnr1_label_seq_id 
_struct_conn.ptnr1_label_atom_id 
_struct_conn.pdbx_ptnr1_label_alt_id 
_struct_conn.pdbx_ptnr1_PDB_ins_code 
_struct_conn.pdbx_ptnr1_standard_comp_id 
_struct_conn.ptnr1_symmetry 
_struct_conn.ptnr2_label_asym_id 
_struct_conn.ptnr2_label_comp_id 
_struct_conn.ptnr2_label_seq_id 
_struct_conn.ptnr2_label_atom_id 
_struct_conn.pdbx_ptnr2_label_alt_id 
_struct_conn.pdbx_ptnr2_PDB_ins_code 
_struct_conn.ptnr1_auth_asym_id 
_struct_conn.ptnr1_auth_comp_id 
_struct_conn.ptnr1_auth_seq_id 
_struct_conn.ptnr2_auth_asym_id 
_struct_conn.ptnr2_auth_comp_id 
_struct_conn.ptnr2_auth_seq_id 
_struct_conn.ptnr2_symmetry 
_struct_conn.pdbx_ptnr3_label_atom_id 
_struct_conn.pdbx_ptnr3_label_seq_id 
_struct_conn.pdbx_ptnr3_label_comp_id 
_struct_conn.pdbx_ptnr3_label_asym_id 
_struct_conn.pdbx_ptnr3_label_alt_id 
_struct_conn.pdbx_ptnr3_PDB_ins_code 
_struct_conn.details 
_struct_conn.pdbx_dist_value 
_struct_conn.pdbx_value_order 
_struct_conn.pdbx_role 
covale1 covale both ? A ALA 1 N ? ? ? 1_555 A ITZ 6 C ? ? A ALA 1 A ITZ 6 1_555 ? ? ? ? ? ? ? 1.338 ? ? 
covale2 covale both ? A PRO 5 C ? ? ? 1_555 A ITZ 6 N ? ? A PRO 5 A ITZ 6 1_555 ? ? ? ? ? ? ? 1.326 ? ? 
# 
_struct_conn_type.id          covale 
_struct_conn_type.criteria    ? 
_struct_conn_type.reference   ? 
# 
loop_
_pdbx_modification_feature.ordinal 
_pdbx_modification_feature.label_comp_id 
_pdbx_modification_feature.label_asym_id 
_pdbx_modification_feature.label_seq_id 
_pdbx_modification_feature.label_alt_id 
_pdbx_modification_feature.modified_residue_label_comp_id 
_pdbx_modification_feature.modified_residue_label_asym_id 
_pdbx_modification_feature.modified_residue_label_seq_id 
_pdbx_modification_feature.modified_residue_label_alt_id 
_pdbx_modification_feature.auth_comp_id 
_pdbx_modification_feature.auth_asym_id 
_pdbx_modification_feature.auth_seq_id 
_pdbx_modification_feature.PDB_ins_code 
_pdbx_modification_feature.symmetry 
_pdbx_modification_feature.modified_residue_auth_comp_id 
_pdbx_modification_feature.modified_residue_auth_asym_id 
_pdbx_modification_feature.modified_residue_auth_seq_id 
_pdbx_modification_feature.modified_residue_PDB_ins_code 
_pdbx_modification_feature.modified_residue_symmetry 
_pdbx_modification_feature.comp_id_linking_atom 
_pdbx_modification_feature.modified_residue_id_linking_atom 
_pdbx_modification_feature.modified_residue_id 
_pdbx_modification_feature.ref_pcm_id 
_pdbx_modification_feature.ref_comp_id 
_pdbx_modification_feature.type 
_pdbx_modification_feature.category 
1 ITZ A 6 ? .   . . . ITZ A 6 ? 1_555 .   . . . .     . . ? 1 ITZ None 'Non-standard residue' 
2 ALA A 1 ? ITZ A 6 ? ALA A 1 ? 1_555 ITZ A 6 ? 1_555 N C . . .   None 'Non-standard linkage' 
# 
loop_
_struct_mon_prot_cis.pdbx_id 
_struct_mon_prot_cis.label_comp_id 
_struct_mon_prot_cis.label_seq_id 
_struct_mon_prot_cis.label_asym_id 
_struct_mon_prot_cis.label_alt_id 
_struct_mon_prot_cis.pdbx_PDB_ins_code 
_struct_mon_prot_cis.auth_comp_id 
_struct_mon_prot_cis.auth_seq_id 
_struct_mon_prot_cis.auth_asym_id 
_struct_mon_prot_cis.pdbx_label_comp_id_2 
_struct_mon_prot_cis.pdbx_label_seq_id_2 
_struct_mon_prot_cis.pdbx_label_asym_id_2 
_struct_mon_prot_cis.pdbx_PDB_ins_code_2 
_struct_mon_prot_cis.pdbx_auth_comp_id_2 
_struct_mon_prot_cis.pdbx_auth_seq_id_2 
_struct_mon_prot_cis.pdbx_auth_asym_id_2 
_struct_mon_prot_cis.pdbx_PDB_model_num 
_struct_mon_prot_cis.pdbx_omega_angle 
1 PHE 2 A . ? PHE 2 A PRO 3 A ? PRO 3 A 1 0.31 
2 PHE 2 A . ? PHE 2 A PRO 3 A ? PRO 3 A 2 0.31 
3 PHE 2 A . ? PHE 2 A PRO 3 A ? PRO 3 A 3 0.28 
4 PHE 2 A . ? PHE 2 A PRO 3 A ? PRO 3 A 4 0.39 
# 
_pdbx_entry_details.entry_id                   7L9D 
_pdbx_entry_details.has_ligand_of_interest     Y 
_pdbx_entry_details.compound_details           ? 
_pdbx_entry_details.source_details             ? 
_pdbx_entry_details.nonpolymer_details         ? 
_pdbx_entry_details.sequence_details           ? 
_pdbx_entry_details.has_protein_modification   Y 
# 
loop_
_pdbx_validate_torsion.id 
_pdbx_validate_torsion.PDB_model_num 
_pdbx_validate_torsion.auth_comp_id 
_pdbx_validate_torsion.auth_asym_id 
_pdbx_validate_torsion.auth_seq_id 
_pdbx_validate_torsion.PDB_ins_code 
_pdbx_validate_torsion.label_alt_id 
_pdbx_validate_torsion.phi 
_pdbx_validate_torsion.psi 
1 1 PRO A 3 ? ? -85.63 32.84 
2 1 PRO A 5 ? ? -61.75 0.08  
3 2 PRO A 3 ? ? -85.25 32.50 
4 3 PRO A 3 ? ? -85.19 32.36 
5 4 PRO A 3 ? ? -85.50 32.77 
# 
_pdbx_nmr_ensemble.entry_id                                      7L9D 
_pdbx_nmr_ensemble.conformers_calculated_total_number            50 
_pdbx_nmr_ensemble.conformers_submitted_total_number             4 
_pdbx_nmr_ensemble.conformer_selection_criteria                  'structures with the lowest energy' 
_pdbx_nmr_ensemble.representative_conformer                      ? 
_pdbx_nmr_ensemble.average_constraints_per_residue               ? 
_pdbx_nmr_ensemble.average_constraint_violations_per_residue     ? 
_pdbx_nmr_ensemble.maximum_distance_constraint_violation         ? 
_pdbx_nmr_ensemble.average_distance_constraint_violation         ? 
_pdbx_nmr_ensemble.maximum_upper_distance_constraint_violation   ? 
_pdbx_nmr_ensemble.maximum_lower_distance_constraint_violation   ? 
_pdbx_nmr_ensemble.distance_constraint_violation_method          ? 
_pdbx_nmr_ensemble.maximum_torsion_angle_constraint_violation    ? 
_pdbx_nmr_ensemble.average_torsion_angle_constraint_violation    ? 
_pdbx_nmr_ensemble.torsion_angle_constraint_violation_method     ? 
# 
_pdbx_nmr_representative.entry_id             7L9D 
_pdbx_nmr_representative.conformer_id         1 
_pdbx_nmr_representative.selection_criteria   'lowest energy' 
# 
_pdbx_nmr_sample_details.solution_id      1 
_pdbx_nmr_sample_details.contents         '1.0 mM Cyclic peptide  ALA-PHE-PRO-ILE-PRO-ITZ SanguiamideA, chloroform' 
_pdbx_nmr_sample_details.solvent_system   chloroform 
_pdbx_nmr_sample_details.label            1 
_pdbx_nmr_sample_details.type             solution 
_pdbx_nmr_sample_details.details          ? 
# 
_pdbx_nmr_exptl_sample.solution_id           1 
_pdbx_nmr_exptl_sample.component             'Cyclic peptide  ALA-PHE-PRO-ILE-PRO-ITZ SanguiamideA' 
_pdbx_nmr_exptl_sample.concentration         1.0 
_pdbx_nmr_exptl_sample.concentration_range   ? 
_pdbx_nmr_exptl_sample.concentration_units   mM 
_pdbx_nmr_exptl_sample.isotopic_labeling     'natural abundance' 
# 
_pdbx_nmr_exptl_sample_conditions.conditions_id          1 
_pdbx_nmr_exptl_sample_conditions.temperature            298 
_pdbx_nmr_exptl_sample_conditions.pressure_units         atm 
_pdbx_nmr_exptl_sample_conditions.pressure               1.0 
_pdbx_nmr_exptl_sample_conditions.pH                     7.0 
_pdbx_nmr_exptl_sample_conditions.ionic_strength         0.1 
_pdbx_nmr_exptl_sample_conditions.details                ? 
_pdbx_nmr_exptl_sample_conditions.ionic_strength_err     ? 
_pdbx_nmr_exptl_sample_conditions.ionic_strength_units   mM 
_pdbx_nmr_exptl_sample_conditions.label                  condition1 
_pdbx_nmr_exptl_sample_conditions.pH_err                 ? 
_pdbx_nmr_exptl_sample_conditions.pH_units               pH 
_pdbx_nmr_exptl_sample_conditions.pressure_err           ? 
_pdbx_nmr_exptl_sample_conditions.temperature_err        ? 
_pdbx_nmr_exptl_sample_conditions.temperature_units      K 
# 
_pdbx_nmr_exptl.experiment_id     1 
_pdbx_nmr_exptl.conditions_id     1 
_pdbx_nmr_exptl.solution_id       1 
_pdbx_nmr_exptl.type              '2D 1H-1H NOESY' 
_pdbx_nmr_exptl.spectrometer_id   1 
_pdbx_nmr_exptl.sample_state      anisotropic 
# 
_pdbx_nmr_refine.entry_id           7L9D 
_pdbx_nmr_refine.method             'simulated annealing' 
_pdbx_nmr_refine.details            ? 
_pdbx_nmr_refine.software_ordinal   1 
# 
loop_
_pdbx_nmr_software.ordinal 
_pdbx_nmr_software.classification 
_pdbx_nmr_software.name 
_pdbx_nmr_software.version 
_pdbx_nmr_software.authors 
1 refinement                  'X-PLOR NIH' ? 'Schwieters, Kuszewski, Tjandra and Clore' 
2 'structure calculation'     'X-PLOR NIH' ? 'Schwieters, Kuszewski, Tjandra and Clore' 
3 'chemical shift assignment' TopSpin      ? 'Bruker Biospin'                           
4 'peak picking'              TopSpin      ? 'Bruker Biospin'                           
# 
loop_
_chem_comp_atom.comp_id 
_chem_comp_atom.atom_id 
_chem_comp_atom.type_symbol 
_chem_comp_atom.pdbx_aromatic_flag 
_chem_comp_atom.pdbx_stereo_config 
_chem_comp_atom.pdbx_ordinal 
ALA N    N N N 1   
ALA CA   C N S 2   
ALA C    C N N 3   
ALA O    O N N 4   
ALA CB   C N N 5   
ALA OXT  O N N 6   
ALA H    H N N 7   
ALA H2   H N N 8   
ALA HA   H N N 9   
ALA HB1  H N N 10  
ALA HB2  H N N 11  
ALA HB3  H N N 12  
ALA HXT  H N N 13  
ILE N    N N N 14  
ILE CA   C N S 15  
ILE C    C N N 16  
ILE O    O N N 17  
ILE CB   C N S 18  
ILE CG1  C N N 19  
ILE CG2  C N N 20  
ILE CD1  C N N 21  
ILE OXT  O N N 22  
ILE H    H N N 23  
ILE H2   H N N 24  
ILE HA   H N N 25  
ILE HB   H N N 26  
ILE HG12 H N N 27  
ILE HG13 H N N 28  
ILE HG21 H N N 29  
ILE HG22 H N N 30  
ILE HG23 H N N 31  
ILE HD11 H N N 32  
ILE HD12 H N N 33  
ILE HD13 H N N 34  
ILE HXT  H N N 35  
ITZ N    N N N 36  
ITZ CA   C N S 37  
ITZ CB   C N S 38  
ITZ CG1  C N N 39  
ITZ CG2  C N N 40  
ITZ CD1  C N N 41  
ITZ CB1  C Y N 42  
ITZ NG1  N Y N 43  
ITZ SG1  S Y N 44  
ITZ CD3  C Y N 45  
ITZ CD2  C Y N 46  
ITZ C    C N N 47  
ITZ O    O N N 48  
ITZ H    H N N 49  
ITZ H2   H N N 50  
ITZ HA   H N N 51  
ITZ HB   H N N 52  
ITZ HG12 H N N 53  
ITZ HG11 H N N 54  
ITZ HG23 H N N 55  
ITZ HG21 H N N 56  
ITZ HG22 H N N 57  
ITZ HD11 H N N 58  
ITZ HD12 H N N 59  
ITZ HD13 H N N 60  
ITZ HQ   H N N 61  
ITZ OXT  O N N 62  
ITZ HXT  H N N 63  
PHE N    N N N 64  
PHE CA   C N S 65  
PHE C    C N N 66  
PHE O    O N N 67  
PHE CB   C N N 68  
PHE CG   C Y N 69  
PHE CD1  C Y N 70  
PHE CD2  C Y N 71  
PHE CE1  C Y N 72  
PHE CE2  C Y N 73  
PHE CZ   C Y N 74  
PHE OXT  O N N 75  
PHE H    H N N 76  
PHE H2   H N N 77  
PHE HA   H N N 78  
PHE HB2  H N N 79  
PHE HB3  H N N 80  
PHE HD1  H N N 81  
PHE HD2  H N N 82  
PHE HE1  H N N 83  
PHE HE2  H N N 84  
PHE HZ   H N N 85  
PHE HXT  H N N 86  
PRO N    N N N 87  
PRO CA   C N S 88  
PRO C    C N N 89  
PRO O    O N N 90  
PRO CB   C N N 91  
PRO CG   C N N 92  
PRO CD   C N N 93  
PRO OXT  O N N 94  
PRO H    H N N 95  
PRO HA   H N N 96  
PRO HB2  H N N 97  
PRO HB3  H N N 98  
PRO HG2  H N N 99  
PRO HG3  H N N 100 
PRO HD2  H N N 101 
PRO HD3  H N N 102 
PRO HXT  H N N 103 
# 
loop_
_chem_comp_bond.comp_id 
_chem_comp_bond.atom_id_1 
_chem_comp_bond.atom_id_2 
_chem_comp_bond.value_order 
_chem_comp_bond.pdbx_aromatic_flag 
_chem_comp_bond.pdbx_stereo_config 
_chem_comp_bond.pdbx_ordinal 
ALA N   CA   sing N N 1   
ALA N   H    sing N N 2   
ALA N   H2   sing N N 3   
ALA CA  C    sing N N 4   
ALA CA  CB   sing N N 5   
ALA CA  HA   sing N N 6   
ALA C   O    doub N N 7   
ALA C   OXT  sing N N 8   
ALA CB  HB1  sing N N 9   
ALA CB  HB2  sing N N 10  
ALA CB  HB3  sing N N 11  
ALA OXT HXT  sing N N 12  
ILE N   CA   sing N N 13  
ILE N   H    sing N N 14  
ILE N   H2   sing N N 15  
ILE CA  C    sing N N 16  
ILE CA  CB   sing N N 17  
ILE CA  HA   sing N N 18  
ILE C   O    doub N N 19  
ILE C   OXT  sing N N 20  
ILE CB  CG1  sing N N 21  
ILE CB  CG2  sing N N 22  
ILE CB  HB   sing N N 23  
ILE CG1 CD1  sing N N 24  
ILE CG1 HG12 sing N N 25  
ILE CG1 HG13 sing N N 26  
ILE CG2 HG21 sing N N 27  
ILE CG2 HG22 sing N N 28  
ILE CG2 HG23 sing N N 29  
ILE CD1 HD11 sing N N 30  
ILE CD1 HD12 sing N N 31  
ILE CD1 HD13 sing N N 32  
ILE OXT HXT  sing N N 33  
ITZ CG1 CD1  sing N N 34  
ITZ CG1 CB   sing N N 35  
ITZ CG2 CB   sing N N 36  
ITZ CB  CA   sing N N 37  
ITZ CA  CB1  sing N N 38  
ITZ CA  N    sing N N 39  
ITZ SG1 CB1  sing Y N 40  
ITZ SG1 CD2  sing Y N 41  
ITZ CB1 NG1  doub Y N 42  
ITZ CD2 CD3  doub Y N 43  
ITZ NG1 CD3  sing Y N 44  
ITZ CD3 C    sing N N 45  
ITZ C   O    doub N N 46  
ITZ N   H    sing N N 47  
ITZ N   H2   sing N N 48  
ITZ CA  HA   sing N N 49  
ITZ CB  HB   sing N N 50  
ITZ CG1 HG12 sing N N 51  
ITZ CG1 HG11 sing N N 52  
ITZ CG2 HG23 sing N N 53  
ITZ CG2 HG21 sing N N 54  
ITZ CG2 HG22 sing N N 55  
ITZ CD1 HD11 sing N N 56  
ITZ CD1 HD12 sing N N 57  
ITZ CD1 HD13 sing N N 58  
ITZ CD2 HQ   sing N N 59  
ITZ C   OXT  sing N N 60  
ITZ OXT HXT  sing N N 61  
PHE N   CA   sing N N 62  
PHE N   H    sing N N 63  
PHE N   H2   sing N N 64  
PHE CA  C    sing N N 65  
PHE CA  CB   sing N N 66  
PHE CA  HA   sing N N 67  
PHE C   O    doub N N 68  
PHE C   OXT  sing N N 69  
PHE CB  CG   sing N N 70  
PHE CB  HB2  sing N N 71  
PHE CB  HB3  sing N N 72  
PHE CG  CD1  doub Y N 73  
PHE CG  CD2  sing Y N 74  
PHE CD1 CE1  sing Y N 75  
PHE CD1 HD1  sing N N 76  
PHE CD2 CE2  doub Y N 77  
PHE CD2 HD2  sing N N 78  
PHE CE1 CZ   doub Y N 79  
PHE CE1 HE1  sing N N 80  
PHE CE2 CZ   sing Y N 81  
PHE CE2 HE2  sing N N 82  
PHE CZ  HZ   sing N N 83  
PHE OXT HXT  sing N N 84  
PRO N   CA   sing N N 85  
PRO N   CD   sing N N 86  
PRO N   H    sing N N 87  
PRO CA  C    sing N N 88  
PRO CA  CB   sing N N 89  
PRO CA  HA   sing N N 90  
PRO C   O    doub N N 91  
PRO C   OXT  sing N N 92  
PRO CB  CG   sing N N 93  
PRO CB  HB2  sing N N 94  
PRO CB  HB3  sing N N 95  
PRO CG  CD   sing N N 96  
PRO CG  HG2  sing N N 97  
PRO CG  HG3  sing N N 98  
PRO CD  HD2  sing N N 99  
PRO CD  HD3  sing N N 100 
PRO OXT HXT  sing N N 101 
# 
_pdbx_nmr_spectrometer.spectrometer_id   1 
_pdbx_nmr_spectrometer.model             AVANCE 
_pdbx_nmr_spectrometer.type              ? 
_pdbx_nmr_spectrometer.manufacturer      Bruker 
_pdbx_nmr_spectrometer.field_strength    600 
_pdbx_nmr_spectrometer.details           ? 
# 
_atom_sites.entry_id                    7L9D 
_atom_sites.Cartn_transf_matrix[1][1]   ? 
_atom_sites.Cartn_transf_matrix[1][2]   ? 
_atom_sites.Cartn_transf_matrix[1][3]   ? 
_atom_sites.Cartn_transf_matrix[2][1]   ? 
_atom_sites.Cartn_transf_matrix[2][2]   ? 
_atom_sites.Cartn_transf_matrix[2][3]   ? 
_atom_sites.Cartn_transf_matrix[3][1]   ? 
_atom_sites.Cartn_transf_matrix[3][2]   ? 
_atom_sites.Cartn_transf_matrix[3][3]   ? 
_atom_sites.Cartn_transf_vector[1]      ? 
_atom_sites.Cartn_transf_vector[2]      ? 
_atom_sites.Cartn_transf_vector[3]      ? 
_atom_sites.fract_transf_matrix[1][1]   1.000000 
_atom_sites.fract_transf_matrix[1][2]   0.000000 
_atom_sites.fract_transf_matrix[1][3]   0.000000 
_atom_sites.fract_transf_matrix[2][1]   0.000000 
_atom_sites.fract_transf_matrix[2][2]   1.000000 
_atom_sites.fract_transf_matrix[2][3]   0.000000 
_atom_sites.fract_transf_matrix[3][1]   0.000000 
_atom_sites.fract_transf_matrix[3][2]   0.000000 
_atom_sites.fract_transf_matrix[3][3]   1.000000 
_atom_sites.fract_transf_vector[1]      0.00000 
_atom_sites.fract_transf_vector[2]      0.00000 
_atom_sites.fract_transf_vector[3]      0.00000 
_atom_sites.solution_primary            ? 
_atom_sites.solution_secondary          ? 
_atom_sites.solution_hydrogens          ? 
_atom_sites.special_details             ? 
# 
loop_
_atom_type.symbol 
C 
H 
N 
O 
S 
# 
loop_
_atom_site.group_PDB 
_atom_site.id 
_atom_site.type_symbol 
_atom_site.label_atom_id 
_atom_site.label_alt_id 
_atom_site.label_comp_id 
_atom_site.label_asym_id 
_atom_site.label_entity_id 
_atom_site.label_seq_id 
_atom_site.pdbx_PDB_ins_code 
_atom_site.Cartn_x 
_atom_site.Cartn_y 
_atom_site.Cartn_z 
_atom_site.occupancy 
_atom_site.B_iso_or_equiv 
_atom_site.pdbx_formal_charge 
_atom_site.auth_seq_id 
_atom_site.auth_comp_id 
_atom_site.auth_asym_id 
_atom_site.auth_atom_id 
_atom_site.pdbx_PDB_model_num 
ATOM   1   N N    . ALA A 1 1 ? -0.565 3.155  0.644  1.00 0.00 ? 1 ALA A N    1 
ATOM   2   C CA   . ALA A 1 1 ? 0.661  3.569  -0.025 1.00 0.00 ? 1 ALA A CA   1 
ATOM   3   C C    . ALA A 1 1 ? 1.485  2.348  -0.406 1.00 0.00 ? 1 ALA A C    1 
ATOM   4   O O    . ALA A 1 1 ? 1.989  1.636  0.463  1.00 0.00 ? 1 ALA A O    1 
ATOM   5   C CB   . ALA A 1 1 ? 1.468  4.501  0.868  1.00 0.00 ? 1 ALA A CB   1 
ATOM   6   H H1   . ALA A 1 1 ? -0.738 2.194  0.777  1.00 0.00 ? 1 ALA A H1   1 
ATOM   7   H HA   . ALA A 1 1 ? 0.389  4.107  -0.922 1.00 0.00 ? 1 ALA A HA   1 
ATOM   8   H HB1  . ALA A 1 1 ? 2.522  4.341  0.695  1.00 0.00 ? 1 ALA A HB1  1 
ATOM   9   H HB2  . ALA A 1 1 ? 1.238  4.297  1.903  1.00 0.00 ? 1 ALA A HB2  1 
ATOM   10  H HB3  . ALA A 1 1 ? 1.218  5.526  0.639  1.00 0.00 ? 1 ALA A HB3  1 
ATOM   11  N N    . PHE A 1 2 ? 1.607  2.094  -1.707 1.00 0.00 ? 2 PHE A N    1 
ATOM   12  C CA   . PHE A 1 2 ? 2.361  0.940  -2.192 1.00 0.00 ? 2 PHE A CA   1 
ATOM   13  C C    . PHE A 1 2 ? 3.696  0.802  -1.457 1.00 0.00 ? 2 PHE A C    1 
ATOM   14  O O    . PHE A 1 2 ? 4.357  1.798  -1.159 1.00 0.00 ? 2 PHE A O    1 
ATOM   15  C CB   . PHE A 1 2 ? 2.606  1.045  -3.698 1.00 0.00 ? 2 PHE A CB   1 
ATOM   16  C CG   . PHE A 1 2 ? 3.366  -0.126 -4.262 1.00 0.00 ? 2 PHE A CG   1 
ATOM   17  C CD1  . PHE A 1 2 ? 4.739  -0.224 -4.094 1.00 0.00 ? 2 PHE A CD1  1 
ATOM   18  C CD2  . PHE A 1 2 ? 2.706  -1.128 -4.956 1.00 0.00 ? 2 PHE A CD2  1 
ATOM   19  C CE1  . PHE A 1 2 ? 5.438  -1.298 -4.611 1.00 0.00 ? 2 PHE A CE1  1 
ATOM   20  C CE2  . PHE A 1 2 ? 3.402  -2.204 -5.474 1.00 0.00 ? 2 PHE A CE2  1 
ATOM   21  C CZ   . PHE A 1 2 ? 4.769  -2.289 -5.301 1.00 0.00 ? 2 PHE A CZ   1 
ATOM   22  H H    . PHE A 1 2 ? 1.174  2.689  -2.354 1.00 0.00 ? 2 PHE A H    1 
ATOM   23  H HA   . PHE A 1 2 ? 1.763  0.059  -1.995 1.00 0.00 ? 2 PHE A HA   1 
ATOM   24  H HB2  . PHE A 1 2 ? 1.656  1.101  -4.209 1.00 0.00 ? 2 PHE A HB2  1 
ATOM   25  H HB3  . PHE A 1 2 ? 3.174  1.941  -3.902 1.00 0.00 ? 2 PHE A HB3  1 
ATOM   26  H HD1  . PHE A 1 2 ? 5.264  0.547  -3.552 1.00 0.00 ? 2 PHE A HD1  1 
ATOM   27  H HD2  . PHE A 1 2 ? 1.637  -1.066 -5.089 1.00 0.00 ? 2 PHE A HD2  1 
ATOM   28  H HE1  . PHE A 1 2 ? 6.508  -1.363 -4.474 1.00 0.00 ? 2 PHE A HE1  1 
ATOM   29  H HE2  . PHE A 1 2 ? 2.876  -2.978 -6.013 1.00 0.00 ? 2 PHE A HE2  1 
ATOM   30  H HZ   . PHE A 1 2 ? 5.314  -3.130 -5.706 1.00 0.00 ? 2 PHE A HZ   1 
ATOM   31  N N    . PRO A 1 3 ? 4.107  -0.442 -1.153 1.00 0.00 ? 3 PRO A N    1 
ATOM   32  C CA   . PRO A 1 3 ? 3.346  -1.644 -1.495 1.00 0.00 ? 3 PRO A CA   1 
ATOM   33  C C    . PRO A 1 3 ? 2.287  -1.993 -0.452 1.00 0.00 ? 3 PRO A C    1 
ATOM   34  O O    . PRO A 1 3 ? 1.986  -3.166 -0.229 1.00 0.00 ? 3 PRO A O    1 
ATOM   35  C CB   . PRO A 1 3 ? 4.432  -2.708 -1.544 1.00 0.00 ? 3 PRO A CB   1 
ATOM   36  C CG   . PRO A 1 3 ? 5.404  -2.287 -0.494 1.00 0.00 ? 3 PRO A CG   1 
ATOM   37  C CD   . PRO A 1 3 ? 5.362  -0.777 -0.454 1.00 0.00 ? 3 PRO A CD   1 
ATOM   38  H HA   . PRO A 1 3 ? 2.879  -1.559 -2.462 1.00 0.00 ? 3 PRO A HA   1 
ATOM   39  H HB2  . PRO A 1 3 ? 4.003  -3.672 -1.334 1.00 0.00 ? 3 PRO A HB2  1 
ATOM   40  H HB3  . PRO A 1 3 ? 4.890  -2.715 -2.523 1.00 0.00 ? 3 PRO A HB3  1 
ATOM   41  H HG2  . PRO A 1 3 ? 5.108  -2.694 0.462  1.00 0.00 ? 3 PRO A HG2  1 
ATOM   42  H HG3  . PRO A 1 3 ? 6.395  -2.627 -0.754 1.00 0.00 ? 3 PRO A HG3  1 
ATOM   43  H HD2  . PRO A 1 3 ? 5.337  -0.427 0.568  1.00 0.00 ? 3 PRO A HD2  1 
ATOM   44  H HD3  . PRO A 1 3 ? 6.214  -0.363 -0.974 1.00 0.00 ? 3 PRO A HD3  1 
ATOM   45  N N    . ILE A 1 4 ? 1.717  -0.968 0.180  1.00 0.00 ? 4 ILE A N    1 
ATOM   46  C CA   . ILE A 1 4 ? 0.686  -1.168 1.189  1.00 0.00 ? 4 ILE A CA   1 
ATOM   47  C C    . ILE A 1 4 ? -0.708 -0.946 0.599  1.00 0.00 ? 4 ILE A C    1 
ATOM   48  O O    . ILE A 1 4 ? -1.089 0.184  0.292  1.00 0.00 ? 4 ILE A O    1 
ATOM   49  C CB   . ILE A 1 4 ? 0.876  -0.220 2.388  1.00 0.00 ? 4 ILE A CB   1 
ATOM   50  C CG1  . ILE A 1 4 ? 2.335  -0.233 2.851  1.00 0.00 ? 4 ILE A CG1  1 
ATOM   51  C CG2  . ILE A 1 4 ? -0.051 -0.619 3.526  1.00 0.00 ? 4 ILE A CG2  1 
ATOM   52  C CD1  . ILE A 1 4 ? 2.604  0.687  4.023  1.00 0.00 ? 4 ILE A CD1  1 
ATOM   53  H H    . ILE A 1 4 ? 1.991  -0.057 -0.041 1.00 0.00 ? 4 ILE A H    1 
ATOM   54  H HA   . ILE A 1 4 ? 0.763  -2.185 1.545  1.00 0.00 ? 4 ILE A HA   1 
ATOM   55  H HB   . ILE A 1 4 ? 0.613  0.778  2.075  1.00 0.00 ? 4 ILE A HB   1 
ATOM   56  H HG12 . ILE A 1 4 ? 2.603  -1.235 3.149  1.00 0.00 ? 4 ILE A HG12 1 
ATOM   57  H HG13 . ILE A 1 4 ? 2.968  0.078  2.033  1.00 0.00 ? 4 ILE A HG13 1 
ATOM   58  H HG21 . ILE A 1 4 ? 0.508  -1.163 4.273  1.00 0.00 ? 4 ILE A HG21 1 
ATOM   59  H HG22 . ILE A 1 4 ? -0.844 -1.246 3.144  1.00 0.00 ? 4 ILE A HG22 1 
ATOM   60  H HG23 . ILE A 1 4 ? -0.478 0.268  3.971  1.00 0.00 ? 4 ILE A HG23 1 
ATOM   61  H HD11 . ILE A 1 4 ? 3.334  1.429  3.738  1.00 0.00 ? 4 ILE A HD11 1 
ATOM   62  H HD12 . ILE A 1 4 ? 2.983  0.110  4.854  1.00 0.00 ? 4 ILE A HD12 1 
ATOM   63  H HD13 . ILE A 1 4 ? 1.686  1.176  4.315  1.00 0.00 ? 4 ILE A HD13 1 
ATOM   64  N N    . PRO A 1 5 ? -1.488 -2.029 0.426  1.00 0.00 ? 5 PRO A N    1 
ATOM   65  C CA   . PRO A 1 5 ? -2.847 -1.961 -0.138 1.00 0.00 ? 5 PRO A CA   1 
ATOM   66  C C    . PRO A 1 5 ? -3.822 -1.122 0.695  1.00 0.00 ? 5 PRO A C    1 
ATOM   67  O O    . PRO A 1 5 ? -4.989 -0.981 0.329  1.00 0.00 ? 5 PRO A O    1 
ATOM   68  C CB   . PRO A 1 5 ? -3.309 -3.424 -0.159 1.00 0.00 ? 5 PRO A CB   1 
ATOM   69  C CG   . PRO A 1 5 ? -2.066 -4.236 -0.043 1.00 0.00 ? 5 PRO A CG   1 
ATOM   70  C CD   . PRO A 1 5 ? -1.100 -3.408 0.752  1.00 0.00 ? 5 PRO A CD   1 
ATOM   71  H HA   . PRO A 1 5 ? -2.830 -1.580 -1.149 1.00 0.00 ? 5 PRO A HA   1 
ATOM   72  H HB2  . PRO A 1 5 ? -3.975 -3.604 0.673  1.00 0.00 ? 5 PRO A HB2  1 
ATOM   73  H HB3  . PRO A 1 5 ? -3.825 -3.627 -1.086 1.00 0.00 ? 5 PRO A HB3  1 
ATOM   74  H HG2  . PRO A 1 5 ? -2.278 -5.161 0.472  1.00 0.00 ? 5 PRO A HG2  1 
ATOM   75  H HG3  . PRO A 1 5 ? -1.665 -4.436 -1.027 1.00 0.00 ? 5 PRO A HG3  1 
ATOM   76  H HD2  . PRO A 1 5 ? -1.213 -3.599 1.806  1.00 0.00 ? 5 PRO A HD2  1 
ATOM   77  H HD3  . PRO A 1 5 ? -0.086 -3.607 0.439  1.00 0.00 ? 5 PRO A HD3  1 
HETATM 78  N N    . ITZ A 1 6 ? -3.355 -0.561 1.802  1.00 0.00 ? 6 ITZ A N    1 
HETATM 79  C CA   . ITZ A 1 6 ? -4.211 0.264  2.649  1.00 0.00 ? 6 ITZ A CA   1 
HETATM 80  C CB   . ITZ A 1 6 ? -4.114 -0.143 4.132  1.00 0.00 ? 6 ITZ A CB   1 
HETATM 81  C CG1  . ITZ A 1 6 ? -4.354 -1.646 4.289  1.00 0.00 ? 6 ITZ A CG1  1 
HETATM 82  C CG2  . ITZ A 1 6 ? -5.111 0.647  4.965  1.00 0.00 ? 6 ITZ A CG2  1 
HETATM 83  C CD1  . ITZ A 1 6 ? -3.448 -2.299 5.310  1.00 0.00 ? 6 ITZ A CD1  1 
HETATM 84  C CB1  . ITZ A 1 6 ? -3.827 1.702  2.417  1.00 0.00 ? 6 ITZ A CB1  1 
HETATM 85  N NG1  . ITZ A 1 6 ? -2.729 2.054  1.826  1.00 0.00 ? 6 ITZ A NG1  1 
HETATM 86  S SG1  . ITZ A 1 6 ? -4.828 3.029  2.919  1.00 0.00 ? 6 ITZ A SG1  1 
HETATM 87  C CD3  . ITZ A 1 6 ? -2.639 3.425  1.744  1.00 0.00 ? 6 ITZ A CD3  1 
HETATM 88  C CD2  . ITZ A 1 6 ? -3.672 4.113  2.277  1.00 0.00 ? 6 ITZ A CD2  1 
HETATM 89  C C    . ITZ A 1 6 ? -1.460 4.040  1.095  1.00 0.00 ? 6 ITZ A C    1 
HETATM 90  O O    . ITZ A 1 6 ? -1.338 5.259  0.990  1.00 0.00 ? 6 ITZ A O    1 
HETATM 91  H H    . ITZ A 1 6 ? -2.419 -0.689 2.056  1.00 0.00 ? 6 ITZ A H    1 
HETATM 92  H HA   . ITZ A 1 6 ? -5.234 0.147  2.316  1.00 0.00 ? 6 ITZ A HA   1 
HETATM 93  H HB   . ITZ A 1 6 ? -3.121 0.094  4.483  1.00 0.00 ? 6 ITZ A HB   1 
HETATM 94  H HG12 . ITZ A 1 6 ? -5.375 -1.810 4.601  1.00 0.00 ? 6 ITZ A HG12 1 
HETATM 95  H HG11 . ITZ A 1 6 ? -4.190 -2.132 3.338  1.00 0.00 ? 6 ITZ A HG11 1 
HETATM 96  H HG23 . ITZ A 1 6 ? -4.914 1.704  4.856  1.00 0.00 ? 6 ITZ A HG23 1 
HETATM 97  H HG21 . ITZ A 1 6 ? -5.014 0.370  6.004  1.00 0.00 ? 6 ITZ A HG21 1 
HETATM 98  H HG22 . ITZ A 1 6 ? -6.114 0.433  4.627  1.00 0.00 ? 6 ITZ A HG22 1 
HETATM 99  H HD11 . ITZ A 1 6 ? -3.446 -3.368 5.158  1.00 0.00 ? 6 ITZ A HD11 1 
HETATM 100 H HD12 . ITZ A 1 6 ? -3.805 -2.077 6.304  1.00 0.00 ? 6 ITZ A HD12 1 
HETATM 101 H HD13 . ITZ A 1 6 ? -2.444 -1.917 5.195  1.00 0.00 ? 6 ITZ A HD13 1 
HETATM 102 H HQ   . ITZ A 1 6 ? -3.764 5.051  2.304  1.00 0.00 ? 6 ITZ A HQ   1 
ATOM   103 N N    . ALA A 1 1 ? -0.557 3.157  0.649  1.00 0.00 ? 1 ALA A N    2 
ATOM   104 C CA   . ALA A 1 1 ? 0.670  3.572  -0.016 1.00 0.00 ? 1 ALA A CA   2 
ATOM   105 C C    . ALA A 1 1 ? 1.492  2.349  -0.402 1.00 0.00 ? 1 ALA A C    2 
ATOM   106 O O    . ALA A 1 1 ? 2.004  1.640  0.465  1.00 0.00 ? 1 ALA A O    2 
ATOM   107 C CB   . ALA A 1 1 ? 1.478  4.496  0.884  1.00 0.00 ? 1 ALA A CB   2 
ATOM   108 H H1   . ALA A 1 1 ? -0.734 2.196  0.777  1.00 0.00 ? 1 ALA A H1   2 
ATOM   109 H HA   . ALA A 1 1 ? 0.401  4.114  -0.911 1.00 0.00 ? 1 ALA A HA   2 
ATOM   110 H HB1  . ALA A 1 1 ? 0.911  5.394  1.080  1.00 0.00 ? 1 ALA A HB1  2 
ATOM   111 H HB2  . ALA A 1 1 ? 2.405  4.756  0.394  1.00 0.00 ? 1 ALA A HB2  2 
ATOM   112 H HB3  . ALA A 1 1 ? 1.692  3.994  1.816  1.00 0.00 ? 1 ALA A HB3  2 
ATOM   113 N N    . PHE A 1 2 ? 1.604  2.094  -1.704 1.00 0.00 ? 2 PHE A N    2 
ATOM   114 C CA   . PHE A 1 2 ? 2.355  0.939  -2.191 1.00 0.00 ? 2 PHE A CA   2 
ATOM   115 C C    . PHE A 1 2 ? 3.695  0.800  -1.465 1.00 0.00 ? 2 PHE A C    2 
ATOM   116 O O    . PHE A 1 2 ? 4.358  1.794  -1.171 1.00 0.00 ? 2 PHE A O    2 
ATOM   117 C CB   . PHE A 1 2 ? 2.592  1.044  -3.699 1.00 0.00 ? 2 PHE A CB   2 
ATOM   118 C CG   . PHE A 1 2 ? 3.309  -0.147 -4.273 1.00 0.00 ? 2 PHE A CG   2 
ATOM   119 C CD1  . PHE A 1 2 ? 2.604  -1.153 -4.917 1.00 0.00 ? 2 PHE A CD1  2 
ATOM   120 C CD2  . PHE A 1 2 ? 4.686  -0.264 -4.166 1.00 0.00 ? 2 PHE A CD2  2 
ATOM   121 C CE1  . PHE A 1 2 ? 3.259  -2.250 -5.444 1.00 0.00 ? 2 PHE A CE1  2 
ATOM   122 C CE2  . PHE A 1 2 ? 5.346  -1.359 -4.691 1.00 0.00 ? 2 PHE A CE2  2 
ATOM   123 C CZ   . PHE A 1 2 ? 4.632  -2.352 -5.333 1.00 0.00 ? 2 PHE A CZ   2 
ATOM   124 H H    . PHE A 1 2 ? 1.165  2.687  -2.347 1.00 0.00 ? 2 PHE A H    2 
ATOM   125 H HA   . PHE A 1 2 ? 1.758  0.058  -1.991 1.00 0.00 ? 2 PHE A HA   2 
ATOM   126 H HB2  . PHE A 1 2 ? 1.641  1.134  -4.201 1.00 0.00 ? 2 PHE A HB2  2 
ATOM   127 H HB3  . PHE A 1 2 ? 3.188  1.921  -3.903 1.00 0.00 ? 2 PHE A HB3  2 
ATOM   128 H HD1  . PHE A 1 2 ? 1.531  -1.076 -5.005 1.00 0.00 ? 2 PHE A HD1  2 
ATOM   129 H HD2  . PHE A 1 2 ? 5.246  0.509  -3.661 1.00 0.00 ? 2 PHE A HD2  2 
ATOM   130 H HE1  . PHE A 1 2 ? 2.698  -3.025 -5.944 1.00 0.00 ? 2 PHE A HE1  2 
ATOM   131 H HE2  . PHE A 1 2 ? 6.419  -1.437 -4.602 1.00 0.00 ? 2 PHE A HE2  2 
ATOM   132 H HZ   . PHE A 1 2 ? 5.146  -3.208 -5.744 1.00 0.00 ? 2 PHE A HZ   2 
ATOM   133 N N    . PRO A 1 3 ? 4.106  -0.444 -1.162 1.00 0.00 ? 3 PRO A N    2 
ATOM   134 C CA   . PRO A 1 3 ? 3.341  -1.647 -1.498 1.00 0.00 ? 3 PRO A CA   2 
ATOM   135 C C    . PRO A 1 3 ? 2.281  -1.989 -0.452 1.00 0.00 ? 3 PRO A C    2 
ATOM   136 O O    . PRO A 1 3 ? 1.975  -3.160 -0.229 1.00 0.00 ? 3 PRO A O    2 
ATOM   137 C CB   . PRO A 1 3 ? 4.424  -2.713 -1.546 1.00 0.00 ? 3 PRO A CB   2 
ATOM   138 C CG   . PRO A 1 3 ? 5.399  -2.292 -0.498 1.00 0.00 ? 3 PRO A CG   2 
ATOM   139 C CD   . PRO A 1 3 ? 5.364  -0.780 -0.469 1.00 0.00 ? 3 PRO A CD   2 
ATOM   140 H HA   . PRO A 1 3 ? 2.872  -1.564 -2.464 1.00 0.00 ? 3 PRO A HA   2 
ATOM   141 H HB2  . PRO A 1 3 ? 3.993  -3.675 -1.330 1.00 0.00 ? 3 PRO A HB2  2 
ATOM   142 H HB3  . PRO A 1 3 ? 4.879  -2.726 -2.524 1.00 0.00 ? 3 PRO A HB3  2 
ATOM   143 H HG2  . PRO A 1 3 ? 5.102  -2.690 0.460  1.00 0.00 ? 3 PRO A HG2  2 
ATOM   144 H HG3  . PRO A 1 3 ? 6.389  -2.637 -0.758 1.00 0.00 ? 3 PRO A HG3  2 
ATOM   145 H HD2  . PRO A 1 3 ? 5.349  -0.424 0.550  1.00 0.00 ? 3 PRO A HD2  2 
ATOM   146 H HD3  . PRO A 1 3 ? 6.215  -0.375 -0.998 1.00 0.00 ? 3 PRO A HD3  2 
ATOM   147 N N    . ILE A 1 4 ? 1.718  -0.962 0.181  1.00 0.00 ? 4 ILE A N    2 
ATOM   148 C CA   . ILE A 1 4 ? 0.687  -1.155 1.190  1.00 0.00 ? 4 ILE A CA   2 
ATOM   149 C C    . ILE A 1 4 ? -0.708 -0.945 0.597  1.00 0.00 ? 4 ILE A C    2 
ATOM   150 O O    . ILE A 1 4 ? -1.090 0.180  0.275  1.00 0.00 ? 4 ILE A O    2 
ATOM   151 C CB   . ILE A 1 4 ? 0.873  -0.194 2.381  1.00 0.00 ? 4 ILE A CB   2 
ATOM   152 C CG1  . ILE A 1 4 ? 2.331  -0.193 2.843  1.00 0.00 ? 4 ILE A CG1  2 
ATOM   153 C CG2  . ILE A 1 4 ? -0.052 -0.587 3.524  1.00 0.00 ? 4 ILE A CG2  2 
ATOM   154 C CD1  . ILE A 1 4 ? 2.597  0.739  4.005  1.00 0.00 ? 4 ILE A CD1  2 
ATOM   155 H H    . ILE A 1 4 ? 1.998  -0.052 -0.041 1.00 0.00 ? 4 ILE A H    2 
ATOM   156 H HA   . ILE A 1 4 ? 0.768  -2.167 1.558  1.00 0.00 ? 4 ILE A HA   2 
ATOM   157 H HB   . ILE A 1 4 ? 0.604  0.800  2.057  1.00 0.00 ? 4 ILE A HB   2 
ATOM   158 H HG12 . ILE A 1 4 ? 2.604  -1.192 3.152  1.00 0.00 ? 4 ILE A HG12 2 
ATOM   159 H HG13 . ILE A 1 4 ? 2.963  0.109  2.021  1.00 0.00 ? 4 ILE A HG13 2 
ATOM   160 H HG21 . ILE A 1 4 ? 0.509  -1.123 4.273  1.00 0.00 ? 4 ILE A HG21 2 
ATOM   161 H HG22 . ILE A 1 4 ? -0.844 -1.217 3.146  1.00 0.00 ? 4 ILE A HG22 2 
ATOM   162 H HG23 . ILE A 1 4 ? -0.479 0.303  3.962  1.00 0.00 ? 4 ILE A HG23 2 
ATOM   163 H HD11 . ILE A 1 4 ? 3.627  1.061  3.980  1.00 0.00 ? 4 ILE A HD11 2 
ATOM   164 H HD12 . ILE A 1 4 ? 2.402  0.223  4.933  1.00 0.00 ? 4 ILE A HD12 2 
ATOM   165 H HD13 . ILE A 1 4 ? 1.949  1.601  3.929  1.00 0.00 ? 4 ILE A HD13 2 
ATOM   166 N N    . PRO A 1 5 ? -1.484 -2.032 0.435  1.00 0.00 ? 5 PRO A N    2 
ATOM   167 C CA   . PRO A 1 5 ? -2.842 -1.975 -0.131 1.00 0.00 ? 5 PRO A CA   2 
ATOM   168 C C    . PRO A 1 5 ? -3.822 -1.133 0.693  1.00 0.00 ? 5 PRO A C    2 
ATOM   169 O O    . PRO A 1 5 ? -4.989 -1.002 0.325  1.00 0.00 ? 5 PRO A O    2 
ATOM   170 C CB   . PRO A 1 5 ? -3.299 -3.440 -0.138 1.00 0.00 ? 5 PRO A CB   2 
ATOM   171 C CG   . PRO A 1 5 ? -2.051 -4.245 -0.011 1.00 0.00 ? 5 PRO A CG   2 
ATOM   172 C CD   . PRO A 1 5 ? -1.092 -3.407 0.779  1.00 0.00 ? 5 PRO A CD   2 
ATOM   173 H HA   . PRO A 1 5 ? -2.825 -1.603 -1.144 1.00 0.00 ? 5 PRO A HA   2 
ATOM   174 H HB2  . PRO A 1 5 ? -3.965 -3.614 0.693  1.00 0.00 ? 5 PRO A HB2  2 
ATOM   175 H HB3  . PRO A 1 5 ? -3.811 -3.654 -1.065 1.00 0.00 ? 5 PRO A HB3  2 
ATOM   176 H HG2  . PRO A 1 5 ? -2.262 -5.166 0.512  1.00 0.00 ? 5 PRO A HG2  2 
ATOM   177 H HG3  . PRO A 1 5 ? -1.647 -4.453 -0.991 1.00 0.00 ? 5 PRO A HG3  2 
ATOM   178 H HD2  . PRO A 1 5 ? -1.209 -3.586 1.835  1.00 0.00 ? 5 PRO A HD2  2 
ATOM   179 H HD3  . PRO A 1 5 ? -0.077 -3.604 0.471  1.00 0.00 ? 5 PRO A HD3  2 
HETATM 180 N N    . ITZ A 1 6 ? -3.351 -0.560 1.807  1.00 0.00 ? 6 ITZ A N    2 
HETATM 181 C CA   . ITZ A 1 6 ? -4.203 0.261  2.661  1.00 0.00 ? 6 ITZ A CA   2 
HETATM 182 C CB   . ITZ A 1 6 ? -4.089 -0.145 4.145  1.00 0.00 ? 6 ITZ A CB   2 
HETATM 183 C CG1  . ITZ A 1 6 ? -4.267 -1.657 4.300  1.00 0.00 ? 6 ITZ A CG1  2 
HETATM 184 C CG2  . ITZ A 1 6 ? -5.117 0.605  4.982  1.00 0.00 ? 6 ITZ A CG2  2 
HETATM 185 C CD1  . ITZ A 1 6 ? -3.303 -2.280 5.287  1.00 0.00 ? 6 ITZ A CD1  2 
HETATM 186 C CB1  . ITZ A 1 6 ? -3.825 1.700  2.424  1.00 0.00 ? 6 ITZ A CB1  2 
HETATM 187 N NG1  . ITZ A 1 6 ? -2.729 2.054  1.830  1.00 0.00 ? 6 ITZ A NG1  2 
HETATM 188 S SG1  . ITZ A 1 6 ? -4.832 3.026  2.918  1.00 0.00 ? 6 ITZ A SG1  2 
HETATM 189 C CD3  . ITZ A 1 6 ? -2.644 3.425  1.740  1.00 0.00 ? 6 ITZ A CD3  2 
HETATM 190 C CD2  . ITZ A 1 6 ? -3.680 4.112  2.270  1.00 0.00 ? 6 ITZ A CD2  2 
HETATM 191 C C    . ITZ A 1 6 ? -1.467 4.041  1.088  1.00 0.00 ? 6 ITZ A C    2 
HETATM 192 O O    . ITZ A 1 6 ? -1.347 5.259  0.976  1.00 0.00 ? 6 ITZ A O    2 
HETATM 193 H H    . ITZ A 1 6 ? -2.414 -0.691 2.056  1.00 0.00 ? 6 ITZ A H    2 
HETATM 194 H HA   . ITZ A 1 6 ? -5.228 0.141  2.338  1.00 0.00 ? 6 ITZ A HA   2 
HETATM 195 H HB   . ITZ A 1 6 ? -3.107 0.132  4.495  1.00 0.00 ? 6 ITZ A HB   2 
HETATM 196 H HG12 . ITZ A 1 6 ? -5.269 -1.863 4.644  1.00 0.00 ? 6 ITZ A HG12 2 
HETATM 197 H HG11 . ITZ A 1 6 ? -4.116 -2.133 3.342  1.00 0.00 ? 6 ITZ A HG11 2 
HETATM 198 H HG23 . ITZ A 1 6 ? -5.588 1.367  4.379  1.00 0.00 ? 6 ITZ A HG23 2 
HETATM 199 H HG21 . ITZ A 1 6 ? -4.626 1.066  5.827  1.00 0.00 ? 6 ITZ A HG21 2 
HETATM 200 H HG22 . ITZ A 1 6 ? -5.867 -0.087 5.336  1.00 0.00 ? 6 ITZ A HG22 2 
HETATM 201 H HD11 . ITZ A 1 6 ? -2.891 -3.186 4.865  1.00 0.00 ? 6 ITZ A HD11 2 
HETATM 202 H HD12 . ITZ A 1 6 ? -3.826 -2.514 6.202  1.00 0.00 ? 6 ITZ A HD12 2 
HETATM 203 H HD13 . ITZ A 1 6 ? -2.503 -1.585 5.496  1.00 0.00 ? 6 ITZ A HD13 2 
HETATM 204 H HQ   . ITZ A 1 6 ? -3.776 5.050  2.291  1.00 0.00 ? 6 ITZ A HQ   2 
ATOM   205 N N    . ALA A 1 1 ? -0.558 3.157  0.650  1.00 0.00 ? 1 ALA A N    3 
ATOM   206 C CA   . ALA A 1 1 ? 0.670  3.572  -0.014 1.00 0.00 ? 1 ALA A CA   3 
ATOM   207 C C    . ALA A 1 1 ? 1.491  2.349  -0.401 1.00 0.00 ? 1 ALA A C    3 
ATOM   208 O O    . ALA A 1 1 ? 2.002  1.638  0.466  1.00 0.00 ? 1 ALA A O    3 
ATOM   209 C CB   . ALA A 1 1 ? 1.478  4.496  0.884  1.00 0.00 ? 1 ALA A CB   3 
ATOM   210 H H1   . ALA A 1 1 ? -0.734 2.196  0.777  1.00 0.00 ? 1 ALA A H1   3 
ATOM   211 H HA   . ALA A 1 1 ? 0.402  4.113  -0.910 1.00 0.00 ? 1 ALA A HA   3 
ATOM   212 H HB1  . ALA A 1 1 ? 0.825  4.952  1.613  1.00 0.00 ? 1 ALA A HB1  3 
ATOM   213 H HB2  . ALA A 1 1 ? 1.941  5.266  0.285  1.00 0.00 ? 1 ALA A HB2  3 
ATOM   214 H HB3  . ALA A 1 1 ? 2.242  3.928  1.392  1.00 0.00 ? 1 ALA A HB3  3 
ATOM   215 N N    . PHE A 1 2 ? 1.605  2.095  -1.703 1.00 0.00 ? 2 PHE A N    3 
ATOM   216 C CA   . PHE A 1 2 ? 2.354  0.940  -2.192 1.00 0.00 ? 2 PHE A CA   3 
ATOM   217 C C    . PHE A 1 2 ? 3.694  0.799  -1.467 1.00 0.00 ? 2 PHE A C    3 
ATOM   218 O O    . PHE A 1 2 ? 4.358  1.793  -1.173 1.00 0.00 ? 2 PHE A O    3 
ATOM   219 C CB   . PHE A 1 2 ? 2.592  1.046  -3.699 1.00 0.00 ? 2 PHE A CB   3 
ATOM   220 C CG   . PHE A 1 2 ? 3.283  -0.156 -4.280 1.00 0.00 ? 2 PHE A CG   3 
ATOM   221 C CD1  . PHE A 1 2 ? 2.554  -1.156 -4.908 1.00 0.00 ? 2 PHE A CD1  3 
ATOM   222 C CD2  . PHE A 1 2 ? 4.661  -0.289 -4.197 1.00 0.00 ? 2 PHE A CD2  3 
ATOM   223 C CE1  . PHE A 1 2 ? 3.187  -2.262 -5.442 1.00 0.00 ? 2 PHE A CE1  3 
ATOM   224 C CE2  . PHE A 1 2 ? 5.298  -1.394 -4.730 1.00 0.00 ? 2 PHE A CE2  3 
ATOM   225 C CZ   . PHE A 1 2 ? 4.560  -2.381 -5.353 1.00 0.00 ? 2 PHE A CZ   3 
ATOM   226 H H    . PHE A 1 2 ? 1.166  2.689  -2.346 1.00 0.00 ? 2 PHE A H    3 
ATOM   227 H HA   . PHE A 1 2 ? 1.757  0.059  -1.993 1.00 0.00 ? 2 PHE A HA   3 
ATOM   228 H HB2  . PHE A 1 2 ? 1.641  1.158  -4.200 1.00 0.00 ? 2 PHE A HB2  3 
ATOM   229 H HB3  . PHE A 1 2 ? 3.204  1.913  -3.900 1.00 0.00 ? 2 PHE A HB3  3 
ATOM   230 H HD1  . PHE A 1 2 ? 1.481  -1.067 -4.976 1.00 0.00 ? 2 PHE A HD1  3 
ATOM   231 H HD2  . PHE A 1 2 ? 5.240  0.479  -3.706 1.00 0.00 ? 2 PHE A HD2  3 
ATOM   232 H HE1  . PHE A 1 2 ? 2.608  -3.034 -5.928 1.00 0.00 ? 2 PHE A HE1  3 
ATOM   233 H HE2  . PHE A 1 2 ? 6.371  -1.486 -4.659 1.00 0.00 ? 2 PHE A HE2  3 
ATOM   234 H HZ   . PHE A 1 2 ? 5.056  -3.246 -5.770 1.00 0.00 ? 2 PHE A HZ   3 
ATOM   235 N N    . PRO A 1 3 ? 4.105  -0.446 -1.163 1.00 0.00 ? 3 PRO A N    3 
ATOM   236 C CA   . PRO A 1 3 ? 3.339  -1.647 -1.497 1.00 0.00 ? 3 PRO A CA   3 
ATOM   237 C C    . PRO A 1 3 ? 2.278  -1.989 -0.452 1.00 0.00 ? 3 PRO A C    3 
ATOM   238 O O    . PRO A 1 3 ? 1.968  -3.160 -0.231 1.00 0.00 ? 3 PRO A O    3 
ATOM   239 C CB   . PRO A 1 3 ? 4.421  -2.715 -1.544 1.00 0.00 ? 3 PRO A CB   3 
ATOM   240 C CG   . PRO A 1 3 ? 5.396  -2.293 -0.496 1.00 0.00 ? 3 PRO A CG   3 
ATOM   241 C CD   . PRO A 1 3 ? 5.363  -0.782 -0.471 1.00 0.00 ? 3 PRO A CD   3 
ATOM   242 H HA   . PRO A 1 3 ? 2.870  -1.566 -2.464 1.00 0.00 ? 3 PRO A HA   3 
ATOM   243 H HB2  . PRO A 1 3 ? 3.989  -3.677 -1.329 1.00 0.00 ? 3 PRO A HB2  3 
ATOM   244 H HB3  . PRO A 1 3 ? 4.878  -2.728 -2.523 1.00 0.00 ? 3 PRO A HB3  3 
ATOM   245 H HG2  . PRO A 1 3 ? 5.095  -2.689 0.463  1.00 0.00 ? 3 PRO A HG2  3 
ATOM   246 H HG3  . PRO A 1 3 ? 6.384  -2.641 -0.754 1.00 0.00 ? 3 PRO A HG3  3 
ATOM   247 H HD2  . PRO A 1 3 ? 5.350  -0.422 0.547  1.00 0.00 ? 3 PRO A HD2  3 
ATOM   248 H HD3  . PRO A 1 3 ? 6.212  -0.379 -1.002 1.00 0.00 ? 3 PRO A HD3  3 
ATOM   249 N N    . ILE A 1 4 ? 1.718  -0.961 0.182  1.00 0.00 ? 4 ILE A N    3 
ATOM   250 C CA   . ILE A 1 4 ? 0.688  -1.153 1.192  1.00 0.00 ? 4 ILE A CA   3 
ATOM   251 C C    . ILE A 1 4 ? -0.706 -0.944 0.596  1.00 0.00 ? 4 ILE A C    3 
ATOM   252 O O    . ILE A 1 4 ? -1.090 0.180  0.273  1.00 0.00 ? 4 ILE A O    3 
ATOM   253 C CB   . ILE A 1 4 ? 0.873  -0.189 2.377  1.00 0.00 ? 4 ILE A CB   3 
ATOM   254 C CG1  . ILE A 1 4 ? 2.321  -0.221 2.869  1.00 0.00 ? 4 ILE A CG1  3 
ATOM   255 C CG2  . ILE A 1 4 ? -0.084 -0.551 3.503  1.00 0.00 ? 4 ILE A CG2  3 
ATOM   256 C CD1  . ILE A 1 4 ? 2.781  -1.595 3.307  1.00 0.00 ? 4 ILE A CD1  3 
ATOM   257 H H    . ILE A 1 4 ? 2.001  -0.052 -0.037 1.00 0.00 ? 4 ILE A H    3 
ATOM   258 H HA   . ILE A 1 4 ? 0.769  -2.164 1.562  1.00 0.00 ? 4 ILE A HA   3 
ATOM   259 H HB   . ILE A 1 4 ? 0.635  0.809  2.042  1.00 0.00 ? 4 ILE A HB   3 
ATOM   260 H HG12 . ILE A 1 4 ? 2.972  0.107  2.073  1.00 0.00 ? 4 ILE A HG12 3 
ATOM   261 H HG13 . ILE A 1 4 ? 2.424  0.449  3.711  1.00 0.00 ? 4 ILE A HG13 3 
ATOM   262 H HG21 . ILE A 1 4 ? -0.346 -1.596 3.429  1.00 0.00 ? 4 ILE A HG21 3 
ATOM   263 H HG22 . ILE A 1 4 ? -0.978 0.050  3.422  1.00 0.00 ? 4 ILE A HG22 3 
ATOM   264 H HG23 . ILE A 1 4 ? 0.390  -0.365 4.454  1.00 0.00 ? 4 ILE A HG23 3 
ATOM   265 H HD11 . ILE A 1 4 ? 3.416  -1.502 4.175  1.00 0.00 ? 4 ILE A HD11 3 
ATOM   266 H HD12 . ILE A 1 4 ? 3.332  -2.063 2.505  1.00 0.00 ? 4 ILE A HD12 3 
ATOM   267 H HD13 . ILE A 1 4 ? 1.920  -2.199 3.554  1.00 0.00 ? 4 ILE A HD13 3 
ATOM   268 N N    . PRO A 1 5 ? -1.482 -2.032 0.436  1.00 0.00 ? 5 PRO A N    3 
ATOM   269 C CA   . PRO A 1 5 ? -2.840 -1.975 -0.132 1.00 0.00 ? 5 PRO A CA   3 
ATOM   270 C C    . PRO A 1 5 ? -3.820 -1.132 0.693  1.00 0.00 ? 5 PRO A C    3 
ATOM   271 O O    . PRO A 1 5 ? -4.987 -1.000 0.321  1.00 0.00 ? 5 PRO A O    3 
ATOM   272 C CB   . PRO A 1 5 ? -3.296 -3.440 -0.142 1.00 0.00 ? 5 PRO A CB   3 
ATOM   273 C CG   . PRO A 1 5 ? -2.048 -4.245 -0.011 1.00 0.00 ? 5 PRO A CG   3 
ATOM   274 C CD   . PRO A 1 5 ? -1.092 -3.405 0.782  1.00 0.00 ? 5 PRO A CD   3 
ATOM   275 H HA   . PRO A 1 5 ? -2.822 -1.601 -1.144 1.00 0.00 ? 5 PRO A HA   3 
ATOM   276 H HB2  . PRO A 1 5 ? -3.965 -3.615 0.688  1.00 0.00 ? 5 PRO A HB2  3 
ATOM   277 H HB3  . PRO A 1 5 ? -3.804 -3.652 -1.070 1.00 0.00 ? 5 PRO A HB3  3 
ATOM   278 H HG2  . PRO A 1 5 ? -2.259 -5.166 0.511  1.00 0.00 ? 5 PRO A HG2  3 
ATOM   279 H HG3  . PRO A 1 5 ? -1.641 -4.451 -0.989 1.00 0.00 ? 5 PRO A HG3  3 
ATOM   280 H HD2  . PRO A 1 5 ? -1.212 -3.584 1.838  1.00 0.00 ? 5 PRO A HD2  3 
ATOM   281 H HD3  . PRO A 1 5 ? -0.076 -3.604 0.479  1.00 0.00 ? 5 PRO A HD3  3 
HETATM 282 N N    . ITZ A 1 6 ? -3.356 -0.559 1.800  1.00 0.00 ? 6 ITZ A N    3 
HETATM 283 C CA   . ITZ A 1 6 ? -4.212 0.267  2.646  1.00 0.00 ? 6 ITZ A CA   3 
HETATM 284 C CB   . ITZ A 1 6 ? -4.117 -0.143 4.130  1.00 0.00 ? 6 ITZ A CB   3 
HETATM 285 C CG1  . ITZ A 1 6 ? -4.212 -1.663 4.270  1.00 0.00 ? 6 ITZ A CG1  3 
HETATM 286 C CG2  . ITZ A 1 6 ? -5.209 0.539  4.940  1.00 0.00 ? 6 ITZ A CG2  3 
HETATM 287 C CD1  . ITZ A 1 6 ? -3.902 -2.162 5.665  1.00 0.00 ? 6 ITZ A CD1  3 
HETATM 288 C CB1  . ITZ A 1 6 ? -3.827 1.705  2.416  1.00 0.00 ? 6 ITZ A CB1  3 
HETATM 289 N NG1  . ITZ A 1 6 ? -2.729 2.057  1.826  1.00 0.00 ? 6 ITZ A NG1  3 
HETATM 290 S SG1  . ITZ A 1 6 ? -4.829 3.032  2.915  1.00 0.00 ? 6 ITZ A SG1  3 
HETATM 291 C CD3  . ITZ A 1 6 ? -2.638 3.428  1.743  1.00 0.00 ? 6 ITZ A CD3  3 
HETATM 292 C CD2  . ITZ A 1 6 ? -3.672 4.117  2.275  1.00 0.00 ? 6 ITZ A CD2  3 
HETATM 293 C C    . ITZ A 1 6 ? -1.458 4.043  1.095  1.00 0.00 ? 6 ITZ A C    3 
HETATM 294 O O    . ITZ A 1 6 ? -1.335 5.261  0.991  1.00 0.00 ? 6 ITZ A O    3 
HETATM 295 H H    . ITZ A 1 6 ? -2.418 -0.684 2.052  1.00 0.00 ? 6 ITZ A H    3 
HETATM 296 H HA   . ITZ A 1 6 ? -5.234 0.151  2.312  1.00 0.00 ? 6 ITZ A HA   3 
HETATM 297 H HB   . ITZ A 1 6 ? -3.162 0.188  4.510  1.00 0.00 ? 6 ITZ A HB   3 
HETATM 298 H HG12 . ITZ A 1 6 ? -5.213 -1.980 4.021  1.00 0.00 ? 6 ITZ A HG12 3 
HETATM 299 H HG11 . ITZ A 1 6 ? -3.513 -2.125 3.588  1.00 0.00 ? 6 ITZ A HG11 3 
HETATM 300 H HG23 . ITZ A 1 6 ? -6.004 -0.165 5.136  1.00 0.00 ? 6 ITZ A HG23 3 
HETATM 301 H HG21 . ITZ A 1 6 ? -5.600 1.378  4.384  1.00 0.00 ? 6 ITZ A HG21 3 
HETATM 302 H HG22 . ITZ A 1 6 ? -4.799 0.888  5.876  1.00 0.00 ? 6 ITZ A HG22 3 
HETATM 303 H HD11 . ITZ A 1 6 ? -4.738 -1.954 6.316  1.00 0.00 ? 6 ITZ A HD11 3 
HETATM 304 H HD12 . ITZ A 1 6 ? -3.021 -1.662 6.038  1.00 0.00 ? 6 ITZ A HD12 3 
HETATM 305 H HD13 . ITZ A 1 6 ? -3.726 -3.227 5.635  1.00 0.00 ? 6 ITZ A HD13 3 
HETATM 306 H HQ   . ITZ A 1 6 ? -3.764 5.055  2.300  1.00 0.00 ? 6 ITZ A HQ   3 
ATOM   307 N N    . ALA A 1 1 ? -0.560 3.156  0.648  1.00 0.00 ? 1 ALA A N    4 
ATOM   308 C CA   . ALA A 1 1 ? 0.666  3.571  -0.019 1.00 0.00 ? 1 ALA A CA   4 
ATOM   309 C C    . ALA A 1 1 ? 1.488  2.348  -0.404 1.00 0.00 ? 1 ALA A C    4 
ATOM   310 O O    . ALA A 1 1 ? 1.997  1.639  0.464  1.00 0.00 ? 1 ALA A O    4 
ATOM   311 C CB   . ALA A 1 1 ? 1.475  4.497  0.879  1.00 0.00 ? 1 ALA A CB   4 
ATOM   312 H H1   . ALA A 1 1 ? -0.736 2.197  0.777  1.00 0.00 ? 1 ALA A H1   4 
ATOM   313 H HA   . ALA A 1 1 ? 0.397  4.112  -0.914 1.00 0.00 ? 1 ALA A HA   4 
ATOM   314 H HB1  . ALA A 1 1 ? 1.696  3.994  1.808  1.00 0.00 ? 1 ALA A HB1  4 
ATOM   315 H HB2  . ALA A 1 1 ? 0.905  5.392  1.079  1.00 0.00 ? 1 ALA A HB2  4 
ATOM   316 H HB3  . ALA A 1 1 ? 2.398  4.761  0.384  1.00 0.00 ? 1 ALA A HB3  4 
ATOM   317 N N    . PHE A 1 2 ? 1.605  2.094  -1.705 1.00 0.00 ? 2 PHE A N    4 
ATOM   318 C CA   . PHE A 1 2 ? 2.357  0.940  -2.192 1.00 0.00 ? 2 PHE A CA   4 
ATOM   319 C C    . PHE A 1 2 ? 3.696  0.801  -1.463 1.00 0.00 ? 2 PHE A C    4 
ATOM   320 O O    . PHE A 1 2 ? 4.357  1.796  -1.167 1.00 0.00 ? 2 PHE A O    4 
ATOM   321 C CB   . PHE A 1 2 ? 2.597  1.043  -3.699 1.00 0.00 ? 2 PHE A CB   4 
ATOM   322 C CG   . PHE A 1 2 ? 3.346  -0.132 -4.266 1.00 0.00 ? 2 PHE A CG   4 
ATOM   323 C CD1  . PHE A 1 2 ? 4.724  -0.219 -4.139 1.00 0.00 ? 2 PHE A CD1  4 
ATOM   324 C CD2  . PHE A 1 2 ? 2.673  -1.150 -4.923 1.00 0.00 ? 2 PHE A CD2  4 
ATOM   325 C CE1  . PHE A 1 2 ? 5.415  -1.298 -4.658 1.00 0.00 ? 2 PHE A CE1  4 
ATOM   326 C CE2  . PHE A 1 2 ? 3.358  -2.231 -5.443 1.00 0.00 ? 2 PHE A CE2  4 
ATOM   327 C CZ   . PHE A 1 2 ? 4.731  -2.304 -5.311 1.00 0.00 ? 2 PHE A CZ   4 
ATOM   328 H H    . PHE A 1 2 ? 1.169  2.689  -2.351 1.00 0.00 ? 2 PHE A H    4 
ATOM   329 H HA   . PHE A 1 2 ? 1.759  0.059  -1.992 1.00 0.00 ? 2 PHE A HA   4 
ATOM   330 H HB2  . PHE A 1 2 ? 1.645  1.107  -4.205 1.00 0.00 ? 2 PHE A HB2  4 
ATOM   331 H HB3  . PHE A 1 2 ? 3.169  1.936  -3.905 1.00 0.00 ? 2 PHE A HB3  4 
ATOM   332 H HD1  . PHE A 1 2 ? 5.260  0.565  -3.626 1.00 0.00 ? 2 PHE A HD1  4 
ATOM   333 H HD2  . PHE A 1 2 ? 1.599  -1.096 -5.024 1.00 0.00 ? 2 PHE A HD2  4 
ATOM   334 H HE1  . PHE A 1 2 ? 6.488  -1.353 -4.553 1.00 0.00 ? 2 PHE A HE1  4 
ATOM   335 H HE2  . PHE A 1 2 ? 2.821  -3.017 -5.953 1.00 0.00 ? 2 PHE A HE2  4 
ATOM   336 H HZ   . PHE A 1 2 ? 5.269  -3.148 -5.717 1.00 0.00 ? 2 PHE A HZ   4 
ATOM   337 N N    . PRO A 1 3 ? 4.106  -0.443 -1.159 1.00 0.00 ? 3 PRO A N    4 
ATOM   338 C CA   . PRO A 1 3 ? 3.344  -1.644 -1.497 1.00 0.00 ? 3 PRO A CA   4 
ATOM   339 C C    . PRO A 1 3 ? 2.285  -1.991 -0.451 1.00 0.00 ? 3 PRO A C    4 
ATOM   340 O O    . PRO A 1 3 ? 1.982  -3.163 -0.228 1.00 0.00 ? 3 PRO A O    4 
ATOM   341 C CB   . PRO A 1 3 ? 4.429  -2.709 -1.548 1.00 0.00 ? 3 PRO A CB   4 
ATOM   342 C CG   . PRO A 1 3 ? 5.404  -2.288 -0.501 1.00 0.00 ? 3 PRO A CG   4 
ATOM   343 C CD   . PRO A 1 3 ? 5.364  -0.778 -0.463 1.00 0.00 ? 3 PRO A CD   4 
ATOM   344 H HA   . PRO A 1 3 ? 2.874  -1.560 -2.463 1.00 0.00 ? 3 PRO A HA   4 
ATOM   345 H HB2  . PRO A 1 3 ? 3.999  -3.673 -1.334 1.00 0.00 ? 3 PRO A HB2  4 
ATOM   346 H HB3  . PRO A 1 3 ? 4.882  -2.720 -2.527 1.00 0.00 ? 3 PRO A HB3  4 
ATOM   347 H HG2  . PRO A 1 3 ? 5.111  -2.694 0.457  1.00 0.00 ? 3 PRO A HG2  4 
ATOM   348 H HG3  . PRO A 1 3 ? 6.395  -2.629 -0.765 1.00 0.00 ? 3 PRO A HG3  4 
ATOM   349 H HD2  . PRO A 1 3 ? 5.343  -0.427 0.558  1.00 0.00 ? 3 PRO A HD2  4 
ATOM   350 H HD3  . PRO A 1 3 ? 6.214  -0.365 -0.987 1.00 0.00 ? 3 PRO A HD3  4 
ATOM   351 N N    . ILE A 1 4 ? 1.717  -0.965 0.180  1.00 0.00 ? 4 ILE A N    4 
ATOM   352 C CA   . ILE A 1 4 ? 0.687  -1.163 1.191  1.00 0.00 ? 4 ILE A CA   4 
ATOM   353 C C    . ILE A 1 4 ? -0.708 -0.946 0.599  1.00 0.00 ? 4 ILE A C    4 
ATOM   354 O O    . ILE A 1 4 ? -1.090 0.181  0.285  1.00 0.00 ? 4 ILE A O    4 
ATOM   355 C CB   . ILE A 1 4 ? 0.875  -0.208 2.384  1.00 0.00 ? 4 ILE A CB   4 
ATOM   356 C CG1  . ILE A 1 4 ? 2.332  -0.221 2.853  1.00 0.00 ? 4 ILE A CG1  4 
ATOM   357 C CG2  . ILE A 1 4 ? -0.057 -0.597 3.522  1.00 0.00 ? 4 ILE A CG2  4 
ATOM   358 C CD1  . ILE A 1 4 ? 2.806  -1.581 3.316  1.00 0.00 ? 4 ILE A CD1  4 
ATOM   359 H H    . ILE A 1 4 ? 1.993  -0.056 -0.041 1.00 0.00 ? 4 ILE A H    4 
ATOM   360 H HA   . ILE A 1 4 ? 0.766  -2.176 1.552  1.00 0.00 ? 4 ILE A HA   4 
ATOM   361 H HB   . ILE A 1 4 ? 0.616  0.790  2.065  1.00 0.00 ? 4 ILE A HB   4 
ATOM   362 H HG12 . ILE A 1 4 ? 2.968  0.091  2.038  1.00 0.00 ? 4 ILE A HG12 4 
ATOM   363 H HG13 . ILE A 1 4 ? 2.444  0.469  3.676  1.00 0.00 ? 4 ILE A HG13 4 
ATOM   364 H HG21 . ILE A 1 4 ? -0.491 0.293  3.953  1.00 0.00 ? 4 ILE A HG21 4 
ATOM   365 H HG22 . ILE A 1 4 ? 0.501  -1.128 4.280  1.00 0.00 ? 4 ILE A HG22 4 
ATOM   366 H HG23 . ILE A 1 4 ? -0.842 -1.234 3.143  1.00 0.00 ? 4 ILE A HG23 4 
ATOM   367 H HD11 . ILE A 1 4 ? 2.121  -1.968 4.055  1.00 0.00 ? 4 ILE A HD11 4 
ATOM   368 H HD12 . ILE A 1 4 ? 3.791  -1.491 3.748  1.00 0.00 ? 4 ILE A HD12 4 
ATOM   369 H HD13 . ILE A 1 4 ? 2.843  -2.256 2.472  1.00 0.00 ? 4 ILE A HD13 4 
ATOM   370 N N    . PRO A 1 5 ? -1.486 -2.032 0.432  1.00 0.00 ? 5 PRO A N    4 
ATOM   371 C CA   . PRO A 1 5 ? -2.845 -1.970 -0.133 1.00 0.00 ? 5 PRO A CA   4 
ATOM   372 C C    . PRO A 1 5 ? -3.822 -1.127 0.694  1.00 0.00 ? 5 PRO A C    4 
ATOM   373 O O    . PRO A 1 5 ? -4.988 -0.992 0.325  1.00 0.00 ? 5 PRO A O    4 
ATOM   374 C CB   . PRO A 1 5 ? -3.304 -3.434 -0.145 1.00 0.00 ? 5 PRO A CB   4 
ATOM   375 C CG   . PRO A 1 5 ? -2.058 -4.242 -0.026 1.00 0.00 ? 5 PRO A CG   4 
ATOM   376 C CD   . PRO A 1 5 ? -1.095 -3.408 0.767  1.00 0.00 ? 5 PRO A CD   4 
ATOM   377 H HA   . PRO A 1 5 ? -2.827 -1.595 -1.146 1.00 0.00 ? 5 PRO A HA   4 
ATOM   378 H HB2  . PRO A 1 5 ? -3.967 -3.610 0.689  1.00 0.00 ? 5 PRO A HB2  4 
ATOM   379 H HB3  . PRO A 1 5 ? -3.820 -3.643 -1.069 1.00 0.00 ? 5 PRO A HB3  4 
ATOM   380 H HG2  . PRO A 1 5 ? -2.267 -5.166 0.492  1.00 0.00 ? 5 PRO A HG2  4 
ATOM   381 H HG3  . PRO A 1 5 ? -1.657 -4.444 -1.008 1.00 0.00 ? 5 PRO A HG3  4 
ATOM   382 H HD2  . PRO A 1 5 ? -1.209 -3.593 1.821  1.00 0.00 ? 5 PRO A HD2  4 
ATOM   383 H HD3  . PRO A 1 5 ? -0.081 -3.606 0.456  1.00 0.00 ? 5 PRO A HD3  4 
HETATM 384 N N    . ITZ A 1 6 ? -3.356 -0.559 1.800  1.00 0.00 ? 6 ITZ A N    4 
HETATM 385 C CA   . ITZ A 1 6 ? -4.213 0.266  2.645  1.00 0.00 ? 6 ITZ A CA   4 
HETATM 386 C CB   . ITZ A 1 6 ? -4.120 -0.142 4.128  1.00 0.00 ? 6 ITZ A CB   4 
HETATM 387 C CG1  . ITZ A 1 6 ? -4.404 -1.636 4.288  1.00 0.00 ? 6 ITZ A CG1  4 
HETATM 388 C CG2  . ITZ A 1 6 ? -5.087 0.681  4.965  1.00 0.00 ? 6 ITZ A CG2  4 
HETATM 389 C CD1  . ITZ A 1 6 ? -3.163 -2.497 4.208  1.00 0.00 ? 6 ITZ A CD1  4 
HETATM 390 C CB1  . ITZ A 1 6 ? -3.829 1.704  2.414  1.00 0.00 ? 6 ITZ A CB1  4 
HETATM 391 N NG1  . ITZ A 1 6 ? -2.730 2.055  1.824  1.00 0.00 ? 6 ITZ A NG1  4 
HETATM 392 S SG1  . ITZ A 1 6 ? -4.830 3.032  2.914  1.00 0.00 ? 6 ITZ A SG1  4 
HETATM 393 C CD3  . ITZ A 1 6 ? -2.638 3.427  1.743  1.00 0.00 ? 6 ITZ A CD3  4 
HETATM 394 C CD2  . ITZ A 1 6 ? -3.673 4.116  2.274  1.00 0.00 ? 6 ITZ A CD2  4 
HETATM 395 C C    . ITZ A 1 6 ? -1.460 4.043  1.096  1.00 0.00 ? 6 ITZ A C    4 
HETATM 396 O O    . ITZ A 1 6 ? -1.336 5.260  0.992  1.00 0.00 ? 6 ITZ A O    4 
HETATM 397 H H    . ITZ A 1 6 ? -2.419 -0.684 2.053  1.00 0.00 ? 6 ITZ A H    4 
HETATM 398 H HA   . ITZ A 1 6 ? -5.235 0.149  2.310  1.00 0.00 ? 6 ITZ A HA   4 
HETATM 399 H HB   . ITZ A 1 6 ? -3.118 0.066  4.473  1.00 0.00 ? 6 ITZ A HB   4 
HETATM 400 H HG12 . ITZ A 1 6 ? -4.865 -1.808 5.249  1.00 0.00 ? 6 ITZ A HG12 4 
HETATM 401 H HG11 . ITZ A 1 6 ? -5.080 -1.953 3.508  1.00 0.00 ? 6 ITZ A HG11 4 
HETATM 402 H HG23 . ITZ A 1 6 ? -4.837 1.728  4.878  1.00 0.00 ? 6 ITZ A HG23 4 
HETATM 403 H HG21 . ITZ A 1 6 ? -5.014 0.379  6.000  1.00 0.00 ? 6 ITZ A HG21 4 
HETATM 404 H HG22 . ITZ A 1 6 ? -6.095 0.521  4.613  1.00 0.00 ? 6 ITZ A HG22 4 
HETATM 405 H HD11 . ITZ A 1 6 ? -3.448 -3.527 4.051  1.00 0.00 ? 6 ITZ A HD11 4 
HETATM 406 H HD12 . ITZ A 1 6 ? -2.607 -2.415 5.131  1.00 0.00 ? 6 ITZ A HD12 4 
HETATM 407 H HD13 . ITZ A 1 6 ? -2.546 -2.166 3.386  1.00 0.00 ? 6 ITZ A HD13 4 
HETATM 408 H HQ   . ITZ A 1 6 ? -3.764 5.054  2.301  1.00 0.00 ? 6 ITZ A HQ   4 
# 
